data_9KGG
#
_entry.id   9KGG
#
_cell.length_a   1.00
_cell.length_b   1.00
_cell.length_c   1.00
_cell.angle_alpha   90.00
_cell.angle_beta   90.00
_cell.angle_gamma   90.00
#
_symmetry.space_group_name_H-M   'P 1'
#
loop_
_entity.id
_entity.type
_entity.pdbx_description
1 polymer 'RNA (267-MER)'
2 non-polymer 'MAGNESIUM ION'
#
_entity_poly.entity_id   1
_entity_poly.type   'polyribonucleotide'
_entity_poly.pdbx_seq_one_letter_code
;GGUAAUUGAGGCCUGAGUAUAAGGUGACUUAUACUUGUAAUCUAUCUAAACGGGGAACCUCUCUAGUAGACAAUCCCGUG
CUAAAUUGUAGGACUGCCCGGGUUCUACAUAAAUGCCUAACGACUAUCCCUUUGGGGAGUAGGGUCAAGUGACUCGAAAC
GAUAGACAACUUGCUUUAACAAGUUGGAGAUAUAGUCUGCUCUGCAUGGUGACAUGCAGCUGGAUAUAAUUCCGGGGUAA
GAUUAACGACCUUAUCUGAACAUAAUG
;
_entity_poly.pdbx_strand_id   U
#